data_8EWA
#
_entry.id   8EWA
#
_cell.length_a   71.270
_cell.length_b   76.950
_cell.length_c   110.230
_cell.angle_alpha   90.000
_cell.angle_beta   90.000
_cell.angle_gamma   90.000
#
_symmetry.space_group_name_H-M   'P 21 21 21'
#
loop_
_entity.id
_entity.type
_entity.pdbx_description
1 polymer 'UDP-N-acetylmuramate--L-alanine ligase'
2 non-polymer '(2R)-2-({4-[(5-tert-butyl-1-methyl-1H-pyrazol-3-yl)amino]-1H-pyrazolo[3,4-d]pyrimidin-6-yl}amino)-2-phenylethyl (2R)-2-(aminomethyl)morpholine-4-carboxylate'
3 non-polymer 'SULFATE ION'
4 non-polymer 'CHLORIDE ION'
5 water water
#
_entity_poly.entity_id   1
_entity_poly.type   'polypeptide(L)'
_entity_poly.pdbx_seq_one_letter_code
;MAHHHHHHMRRIHFVGIGGAGMCGIAEVLLNLGYEVSGSDLKASAVTERLEKFGAQIFIGHQAENADGADVLVVSSAINR
ANPEVASALERRIPVVPRAEMLAELMRYRHGIAVAGTHGKTTTTSLIASVFAAGGLDPTFVIGGRLNAAGTNAQLGASRY
LVAEADESDASFLHLQPMVAVVTNIDADHMATYGGDFNKLKKTFVEFLHNLPFYGLAVMCVDDPVVREILPQIARPTVTY
GLSEDADVRAINIRQEGMRTWFTVLRPEREPLDVSVNMPGLHNVLNSLATIVIATDEGISDEAIVQGLSGFQGVGR
;
_entity_poly.pdbx_strand_id   A,B
#
# COMPACT_ATOMS: atom_id res chain seq x y z
N HIS A 7 15.03 -6.55 -3.34
CA HIS A 7 14.94 -5.82 -2.08
C HIS A 7 16.01 -4.72 -1.99
N HIS A 8 15.60 -3.50 -2.34
CA HIS A 8 16.47 -2.35 -2.50
C HIS A 8 16.65 -1.57 -1.22
N MET A 9 16.21 -2.11 -0.09
CA MET A 9 16.50 -1.54 1.23
C MET A 9 16.98 -2.72 2.06
N ARG A 10 18.30 -2.81 2.25
CA ARG A 10 18.90 -3.79 3.15
C ARG A 10 19.42 -3.13 4.41
N ARG A 11 19.96 -1.92 4.29
CA ARG A 11 20.59 -1.23 5.40
C ARG A 11 19.95 0.15 5.55
N ILE A 12 19.41 0.43 6.73
CA ILE A 12 18.81 1.71 7.07
C ILE A 12 19.71 2.38 8.10
N HIS A 13 20.07 3.64 7.85
CA HIS A 13 20.95 4.40 8.72
C HIS A 13 20.17 5.54 9.36
N PHE A 14 20.22 5.63 10.69
CA PHE A 14 19.54 6.65 11.47
C PHE A 14 20.56 7.72 11.88
N VAL A 15 20.30 8.96 11.50
CA VAL A 15 21.10 10.08 11.97
C VAL A 15 20.53 10.54 13.32
N GLY A 16 21.27 10.32 14.40
CA GLY A 16 20.73 10.69 15.71
C GLY A 16 19.90 9.57 16.30
N ILE A 17 20.44 8.34 16.26
CA ILE A 17 19.66 7.16 16.59
C ILE A 17 19.33 7.08 18.07
N GLY A 18 20.04 7.83 18.92
N GLY A 18 20.03 7.83 18.92
CA GLY A 18 19.80 7.79 20.34
CA GLY A 18 19.80 7.75 20.35
C GLY A 18 18.55 8.51 20.79
C GLY A 18 18.70 8.62 20.89
N GLY A 19 17.86 9.18 19.87
N GLY A 19 18.15 9.53 20.08
CA GLY A 19 16.62 9.86 20.22
CA GLY A 19 17.17 10.49 20.53
C GLY A 19 15.53 8.88 20.62
C GLY A 19 15.79 10.29 19.93
N ALA A 20 14.67 9.34 21.54
N ALA A 20 14.93 11.28 20.19
CA ALA A 20 13.54 8.56 22.02
CA ALA A 20 13.55 11.29 19.73
C ALA A 20 12.58 8.15 20.91
C ALA A 20 12.85 9.94 19.91
N GLY A 21 12.42 8.98 19.87
N GLY A 21 12.01 9.61 18.94
CA GLY A 21 11.59 8.63 18.74
CA GLY A 21 11.52 8.25 18.80
C GLY A 21 12.27 7.91 17.59
C GLY A 21 12.28 7.55 17.70
N MET A 22 13.59 7.78 17.63
CA MET A 22 14.36 7.07 16.63
C MET A 22 14.64 5.64 17.06
N CYS A 23 15.00 5.42 18.32
CA CYS A 23 15.46 4.10 18.75
C CYS A 23 14.39 3.04 18.57
N GLY A 24 13.11 3.38 18.77
CA GLY A 24 12.05 2.40 18.62
C GLY A 24 11.85 1.98 17.18
N ILE A 25 11.96 2.94 16.25
CA ILE A 25 11.86 2.57 14.83
C ILE A 25 13.02 1.66 14.46
N ALA A 26 14.23 1.97 14.93
CA ALA A 26 15.38 1.10 14.68
C ALA A 26 15.16 -0.29 15.25
N GLU A 27 14.56 -0.37 16.42
CA GLU A 27 14.34 -1.65 17.06
C GLU A 27 13.41 -2.53 16.23
N VAL A 28 12.34 -1.94 15.70
CA VAL A 28 11.41 -2.70 14.88
C VAL A 28 12.10 -3.18 13.60
N LEU A 29 12.85 -2.29 12.94
CA LEU A 29 13.52 -2.70 11.71
C LEU A 29 14.52 -3.82 11.97
N LEU A 30 15.22 -3.79 13.11
CA LEU A 30 16.08 -4.91 13.45
C LEU A 30 15.26 -6.19 13.61
N ASN A 31 14.13 -6.11 14.31
CA ASN A 31 13.28 -7.30 14.47
C ASN A 31 12.77 -7.81 13.14
N LEU A 32 12.58 -6.93 12.16
CA LEU A 32 12.17 -7.35 10.83
C LEU A 32 13.31 -7.94 10.00
N GLY A 33 14.53 -8.00 10.51
CA GLY A 33 15.63 -8.62 9.80
C GLY A 33 16.54 -7.69 9.01
N TYR A 34 16.28 -6.38 9.05
CA TYR A 34 17.11 -5.42 8.32
C TYR A 34 18.42 -5.16 9.05
N GLU A 35 19.43 -4.79 8.25
CA GLU A 35 20.64 -4.17 8.80
C GLU A 35 20.30 -2.76 9.23
N VAL A 36 20.69 -2.38 10.44
CA VAL A 36 20.43 -1.03 10.91
C VAL A 36 21.72 -0.46 11.47
N SER A 37 22.02 0.79 11.10
CA SER A 37 23.13 1.52 11.70
C SER A 37 22.61 2.89 12.14
N GLY A 38 23.36 3.54 12.99
CA GLY A 38 22.94 4.84 13.47
C GLY A 38 24.13 5.58 14.02
N SER A 39 24.08 6.90 13.91
CA SER A 39 25.09 7.76 14.51
C SER A 39 24.46 8.55 15.65
N ASP A 40 25.27 8.89 16.64
CA ASP A 40 24.83 9.87 17.61
C ASP A 40 26.03 10.61 18.17
N LEU A 41 25.78 11.73 18.84
CA LEU A 41 26.88 12.48 19.42
C LEU A 41 27.50 11.76 20.59
N LYS A 42 26.75 10.91 21.29
CA LYS A 42 27.37 10.21 22.40
C LYS A 42 26.73 8.84 22.59
N ALA A 43 27.52 7.91 23.12
CA ALA A 43 26.99 6.61 23.44
C ALA A 43 26.14 6.71 24.69
N SER A 44 25.21 5.78 24.84
CA SER A 44 24.24 5.84 25.93
C SER A 44 23.69 4.44 26.18
N ALA A 45 22.90 4.32 27.25
CA ALA A 45 22.19 3.06 27.45
C ALA A 45 21.30 2.75 26.25
N VAL A 46 20.81 3.78 25.55
CA VAL A 46 19.95 3.56 24.39
C VAL A 46 20.74 2.93 23.24
N THR A 47 21.90 3.51 22.90
CA THR A 47 22.68 2.93 21.82
C THR A 47 23.19 1.54 22.18
N GLU A 48 23.47 1.31 23.47
CA GLU A 48 23.95 -0.01 23.86
C GLU A 48 22.83 -1.04 23.72
N ARG A 49 21.61 -0.69 24.12
CA ARG A 49 20.48 -1.59 23.87
C ARG A 49 20.35 -1.89 22.38
N LEU A 50 20.47 -0.87 21.53
CA LEU A 50 20.34 -1.11 20.10
C LEU A 50 21.46 -1.99 19.59
N GLU A 51 22.68 -1.75 20.07
CA GLU A 51 23.80 -2.59 19.65
C GLU A 51 23.55 -4.05 20.00
N LYS A 52 22.98 -4.31 21.20
CA LYS A 52 22.69 -5.70 21.59
C LYS A 52 21.64 -6.34 20.69
N PHE A 53 20.72 -5.54 20.14
CA PHE A 53 19.74 -6.04 19.17
C PHE A 53 20.30 -6.15 17.77
N GLY A 54 21.52 -5.69 17.53
CA GLY A 54 22.13 -5.87 16.21
C GLY A 54 22.53 -4.61 15.50
N ALA A 55 22.26 -3.43 16.05
CA ALA A 55 22.59 -2.19 15.38
C ALA A 55 24.09 -1.95 15.38
N GLN A 56 24.58 -1.35 14.30
CA GLN A 56 25.94 -0.85 14.23
C GLN A 56 25.91 0.62 14.64
N ILE A 57 26.68 0.99 15.65
CA ILE A 57 26.59 2.32 16.24
C ILE A 57 27.86 3.09 15.90
N PHE A 58 27.68 4.32 15.43
CA PHE A 58 28.77 5.26 15.22
C PHE A 58 28.60 6.44 16.18
N ILE A 59 29.67 6.81 16.87
CA ILE A 59 29.65 8.02 17.71
C ILE A 59 30.33 9.16 16.98
N GLY A 60 29.65 10.29 16.89
CA GLY A 60 30.11 11.41 16.08
C GLY A 60 29.50 11.35 14.69
N HIS A 61 29.37 12.51 14.06
CA HIS A 61 28.81 12.57 12.72
C HIS A 61 29.94 12.77 11.73
N GLN A 62 30.07 11.84 10.79
CA GLN A 62 30.98 12.03 9.68
C GLN A 62 30.37 11.33 8.48
N ALA A 63 30.68 11.88 7.31
CA ALA A 63 30.13 11.41 6.04
C ALA A 63 30.17 9.89 5.95
N GLU A 64 31.29 9.28 6.35
CA GLU A 64 31.50 7.86 6.12
C GLU A 64 30.54 6.97 6.90
N ASN A 65 29.97 7.45 8.01
CA ASN A 65 28.97 6.68 8.75
C ASN A 65 27.81 6.25 7.86
N ALA A 66 27.53 6.99 6.79
CA ALA A 66 26.40 6.64 5.92
C ALA A 66 26.79 5.69 4.79
N ASP A 67 28.06 5.30 4.68
CA ASP A 67 28.47 4.44 3.58
C ASP A 67 27.74 3.10 3.65
N GLY A 68 27.29 2.60 2.49
CA GLY A 68 26.54 1.36 2.45
C GLY A 68 25.05 1.48 2.75
N ALA A 69 24.57 2.62 3.25
CA ALA A 69 23.16 2.72 3.60
C ALA A 69 22.29 2.83 2.36
N ASP A 70 21.09 2.23 2.44
CA ASP A 70 20.12 2.31 1.35
C ASP A 70 19.08 3.40 1.57
N VAL A 71 18.87 3.78 2.81
CA VAL A 71 17.92 4.81 3.22
C VAL A 71 18.49 5.43 4.46
N LEU A 72 18.37 6.76 4.58
CA LEU A 72 18.69 7.46 5.82
C LEU A 72 17.39 7.93 6.47
N VAL A 73 17.35 7.86 7.79
CA VAL A 73 16.22 8.37 8.57
C VAL A 73 16.75 9.50 9.46
N VAL A 74 16.09 10.65 9.39
CA VAL A 74 16.43 11.80 10.23
C VAL A 74 15.23 12.12 11.11
N SER A 75 15.46 12.92 12.14
CA SER A 75 14.40 13.19 13.11
C SER A 75 13.21 13.88 12.45
N SER A 76 13.45 14.97 11.74
CA SER A 76 12.36 15.63 11.02
C SER A 76 12.88 16.42 9.82
N ALA A 77 13.48 17.59 10.06
CA ALA A 77 13.94 18.39 8.94
C ALA A 77 15.18 17.77 8.32
N ILE A 78 15.34 18.00 7.02
CA ILE A 78 16.51 17.50 6.28
C ILE A 78 17.60 18.56 6.35
N ASN A 79 18.65 18.29 7.12
CA ASN A 79 19.72 19.27 7.37
C ASN A 79 20.88 19.00 6.42
N ARG A 80 20.93 19.76 5.31
CA ARG A 80 21.97 19.54 4.32
C ARG A 80 23.36 19.90 4.84
N ALA A 81 23.46 20.50 6.02
CA ALA A 81 24.76 20.74 6.64
C ALA A 81 25.28 19.51 7.38
N ASN A 82 24.42 18.57 7.73
CA ASN A 82 24.91 17.35 8.37
C ASN A 82 25.69 16.53 7.35
N PRO A 83 26.93 16.13 7.66
CA PRO A 83 27.74 15.43 6.66
C PRO A 83 27.14 14.11 6.21
N GLU A 84 26.41 13.41 7.09
CA GLU A 84 25.82 12.14 6.70
C GLU A 84 24.68 12.36 5.72
N VAL A 85 23.84 13.35 6.01
CA VAL A 85 22.76 13.73 5.09
C VAL A 85 23.34 14.20 3.75
N ALA A 86 24.32 15.11 3.79
CA ALA A 86 24.88 15.64 2.53
C ALA A 86 25.43 14.52 1.65
N SER A 87 26.15 13.56 2.25
CA SER A 87 26.72 12.46 1.48
C SER A 87 25.63 11.60 0.87
N ALA A 88 24.60 11.30 1.65
CA ALA A 88 23.46 10.54 1.13
C ALA A 88 22.78 11.26 -0.03
N LEU A 89 22.50 12.55 0.12
CA LEU A 89 21.81 13.29 -0.93
C LEU A 89 22.64 13.33 -2.21
N GLU A 90 23.95 13.44 -2.08
CA GLU A 90 24.83 13.44 -3.24
C GLU A 90 24.71 12.14 -4.03
N ARG A 91 24.29 11.05 -3.39
CA ARG A 91 24.25 9.73 -3.99
C ARG A 91 22.84 9.26 -4.33
N ARG A 92 21.82 10.11 -4.16
CA ARG A 92 20.40 9.74 -4.33
C ARG A 92 19.97 8.63 -3.37
N ILE A 93 20.62 8.55 -2.23
CA ILE A 93 20.06 7.77 -1.14
C ILE A 93 18.88 8.53 -0.57
N PRO A 94 17.70 7.92 -0.49
CA PRO A 94 16.56 8.60 0.14
C PRO A 94 16.89 9.01 1.56
N VAL A 95 16.49 10.23 1.91
CA VAL A 95 16.55 10.72 3.29
C VAL A 95 15.13 11.04 3.70
N VAL A 96 14.62 10.35 4.72
CA VAL A 96 13.21 10.52 5.08
C VAL A 96 13.10 10.90 6.55
N PRO A 97 12.11 11.72 6.93
CA PRO A 97 11.90 12.00 8.36
C PRO A 97 11.38 10.77 9.08
N ARG A 98 11.56 10.74 10.40
CA ARG A 98 11.16 9.53 11.12
C ARG A 98 9.66 9.27 11.01
N ALA A 99 8.84 10.32 10.87
CA ALA A 99 7.40 10.09 10.76
C ALA A 99 7.06 9.26 9.53
N GLU A 100 7.85 9.40 8.45
CA GLU A 100 7.58 8.66 7.22
CA GLU A 100 7.51 8.65 7.25
C GLU A 100 8.03 7.21 7.33
N MET A 101 9.16 6.98 7.98
CA MET A 101 9.57 5.60 8.22
C MET A 101 8.63 4.94 9.22
N LEU A 102 8.16 5.69 10.20
CA LEU A 102 7.21 5.13 11.15
C LEU A 102 5.94 4.65 10.45
N ALA A 103 5.44 5.43 9.50
CA ALA A 103 4.22 5.07 8.77
C ALA A 103 4.43 3.83 7.90
N GLU A 104 5.63 3.70 7.34
CA GLU A 104 5.98 2.58 6.47
C GLU A 104 5.99 1.24 7.21
N LEU A 105 6.26 1.24 8.53
CA LEU A 105 6.23 -0.04 9.27
C LEU A 105 4.88 -0.77 9.13
N MET A 106 3.79 -0.05 8.93
CA MET A 106 2.48 -0.71 8.79
C MET A 106 2.47 -1.72 7.65
N ARG A 107 3.35 -1.52 6.65
CA ARG A 107 3.45 -2.41 5.50
C ARG A 107 3.89 -3.81 5.88
N TYR A 108 4.71 -3.93 6.91
CA TYR A 108 5.25 -5.22 7.31
C TYR A 108 4.39 -5.92 8.33
N ARG A 109 3.31 -5.29 8.78
CA ARG A 109 2.61 -5.77 9.96
C ARG A 109 1.12 -5.76 9.67
N HIS A 110 0.37 -6.42 10.54
CA HIS A 110 -1.09 -6.26 10.52
C HIS A 110 -1.42 -4.94 11.19
N GLY A 111 -1.58 -3.91 10.36
CA GLY A 111 -1.69 -2.55 10.86
C GLY A 111 -3.12 -2.15 11.13
N ILE A 112 -3.33 -1.52 12.29
CA ILE A 112 -4.63 -1.00 12.70
C ILE A 112 -4.44 0.50 12.89
N ALA A 113 -5.03 1.29 11.99
CA ALA A 113 -4.86 2.74 12.02
C ALA A 113 -6.11 3.35 12.66
N VAL A 114 -5.90 4.21 13.66
CA VAL A 114 -6.98 4.83 14.39
C VAL A 114 -7.01 6.31 14.03
N ALA A 115 -8.02 6.72 13.26
CA ALA A 115 -8.20 8.08 12.80
C ALA A 115 -9.49 8.68 13.33
N GLY A 116 -9.60 10.00 13.11
CA GLY A 116 -10.72 10.77 13.59
C GLY A 116 -10.25 11.99 14.32
N THR A 117 -11.12 12.98 14.50
CA THR A 117 -10.68 14.22 15.12
C THR A 117 -10.39 14.01 16.61
N HIS A 118 -11.28 13.31 17.31
CA HIS A 118 -11.25 13.12 18.75
C HIS A 118 -11.26 11.64 19.09
N GLY A 119 -10.50 11.27 20.13
CA GLY A 119 -10.53 9.92 20.65
C GLY A 119 -9.44 9.00 20.14
N LYS A 120 -8.52 9.48 19.29
CA LYS A 120 -7.55 8.58 18.67
C LYS A 120 -6.61 7.98 19.71
N THR A 121 -6.11 8.80 20.62
CA THR A 121 -5.11 8.34 21.58
C THR A 121 -5.72 7.35 22.56
N THR A 122 -6.90 7.69 23.09
CA THR A 122 -7.57 6.77 24.02
C THR A 122 -7.99 5.47 23.32
N THR A 123 -8.57 5.57 22.11
CA THR A 123 -8.94 4.35 21.41
C THR A 123 -7.72 3.49 21.07
N THR A 124 -6.65 4.10 20.55
CA THR A 124 -5.44 3.31 20.30
C THR A 124 -4.97 2.60 21.57
N SER A 125 -5.04 3.29 22.71
CA SER A 125 -4.55 2.71 23.97
C SER A 125 -5.44 1.56 24.43
N LEU A 126 -6.76 1.70 24.24
CA LEU A 126 -7.67 0.62 24.65
C LEU A 126 -7.49 -0.60 23.76
N ILE A 127 -7.33 -0.36 22.46
CA ILE A 127 -7.07 -1.46 21.55
C ILE A 127 -5.81 -2.21 21.96
N ALA A 128 -4.74 -1.47 22.29
CA ALA A 128 -3.53 -2.13 22.75
C ALA A 128 -3.78 -2.94 24.03
N SER A 129 -4.54 -2.38 24.95
CA SER A 129 -4.81 -3.09 26.21
C SER A 129 -5.56 -4.40 25.96
N VAL A 130 -6.57 -4.37 25.08
CA VAL A 130 -7.37 -5.57 24.80
C VAL A 130 -6.54 -6.58 24.01
N PHE A 131 -5.79 -6.12 23.01
CA PHE A 131 -4.95 -7.05 22.26
C PHE A 131 -3.88 -7.68 23.16
N ALA A 132 -3.32 -6.92 24.10
CA ALA A 132 -2.39 -7.49 25.06
C ALA A 132 -3.08 -8.55 25.92
N ALA A 133 -4.28 -8.23 26.42
CA ALA A 133 -5.02 -9.20 27.22
C ALA A 133 -5.37 -10.45 26.42
N GLY A 134 -5.45 -10.35 25.09
CA GLY A 134 -5.67 -11.50 24.24
C GLY A 134 -4.42 -12.26 23.87
N GLY A 135 -3.27 -11.87 24.42
CA GLY A 135 -2.03 -12.54 24.14
C GLY A 135 -1.36 -12.19 22.83
N LEU A 136 -1.77 -11.11 22.17
CA LEU A 136 -1.26 -10.80 20.85
C LEU A 136 -0.05 -9.88 20.87
N ASP A 137 0.35 -9.35 22.03
CA ASP A 137 1.61 -8.63 22.20
C ASP A 137 1.80 -7.47 21.21
N PRO A 138 0.84 -6.56 21.09
CA PRO A 138 0.92 -5.54 20.03
C PRO A 138 1.98 -4.49 20.30
N THR A 139 2.60 -4.03 19.21
CA THR A 139 3.33 -2.77 19.25
C THR A 139 2.33 -1.67 18.92
N PHE A 140 2.44 -0.52 19.58
CA PHE A 140 1.47 0.54 19.32
C PHE A 140 2.15 1.91 19.37
N VAL A 141 1.51 2.87 18.70
CA VAL A 141 2.06 4.21 18.49
C VAL A 141 1.04 5.23 18.98
N ILE A 142 1.43 6.03 19.97
CA ILE A 142 0.67 7.21 20.36
C ILE A 142 1.64 8.38 20.48
N GLY A 143 1.24 9.53 19.95
CA GLY A 143 2.08 10.70 19.96
C GLY A 143 3.45 10.51 19.35
N GLY A 144 3.54 9.69 18.31
CA GLY A 144 4.81 9.45 17.66
C GLY A 144 5.74 8.53 18.41
N ARG A 145 5.30 7.92 19.50
CA ARG A 145 6.15 7.07 20.32
C ARG A 145 5.73 5.62 20.14
N LEU A 146 6.70 4.75 19.84
CA LEU A 146 6.43 3.33 19.79
C LEU A 146 6.48 2.72 21.19
N ASN A 147 5.48 1.91 21.52
CA ASN A 147 5.42 1.18 22.78
C ASN A 147 5.05 -0.27 22.52
N ALA A 148 5.36 -1.13 23.47
CA ALA A 148 4.85 -2.51 23.45
C ALA A 148 4.42 -2.90 24.85
N ALA A 149 3.40 -3.77 24.92
CA ALA A 149 2.88 -4.21 26.21
C ALA A 149 3.94 -4.93 27.03
N GLY A 150 4.68 -5.84 26.39
CA GLY A 150 5.75 -6.58 27.05
C GLY A 150 6.78 -5.69 27.70
N THR A 151 6.96 -5.87 29.01
CA THR A 151 7.83 -4.98 29.80
C THR A 151 9.26 -4.99 29.29
N ASN A 152 9.85 -6.19 29.15
CA ASN A 152 11.24 -6.33 28.70
C ASN A 152 11.24 -7.03 27.34
N ALA A 153 10.82 -6.30 26.31
CA ALA A 153 10.61 -6.89 24.99
C ALA A 153 11.17 -5.99 23.90
N GLN A 154 11.55 -6.62 22.78
CA GLN A 154 11.94 -5.89 21.58
C GLN A 154 10.70 -5.53 20.79
N LEU A 155 10.58 -4.25 20.43
CA LEU A 155 9.43 -3.77 19.69
C LEU A 155 9.32 -4.47 18.34
N GLY A 156 8.08 -4.60 17.85
CA GLY A 156 7.82 -5.18 16.57
C GLY A 156 7.84 -6.69 16.52
N ALA A 157 7.92 -7.35 17.68
CA ALA A 157 7.98 -8.82 17.70
C ALA A 157 6.68 -9.42 17.17
N SER A 158 5.54 -8.82 17.49
CA SER A 158 4.29 -9.43 17.08
C SER A 158 3.85 -8.93 15.70
N ARG A 159 2.86 -9.61 15.16
CA ARG A 159 2.31 -9.26 13.86
C ARG A 159 1.51 -7.96 13.88
N TYR A 160 1.14 -7.46 15.07
CA TYR A 160 0.16 -6.38 15.18
C TYR A 160 0.83 -5.04 15.45
N LEU A 161 0.40 -4.01 14.72
CA LEU A 161 0.87 -2.64 14.91
C LEU A 161 -0.34 -1.72 14.94
N VAL A 162 -0.59 -1.08 16.09
CA VAL A 162 -1.76 -0.21 16.27
C VAL A 162 -1.24 1.22 16.36
N ALA A 163 -1.82 2.13 15.58
CA ALA A 163 -1.25 3.47 15.54
C ALA A 163 -2.30 4.54 15.31
N GLU A 164 -2.18 5.64 16.05
CA GLU A 164 -2.83 6.91 15.73
CA GLU A 164 -2.90 6.85 15.70
C GLU A 164 -2.57 7.29 14.28
N ALA A 165 -3.59 7.79 13.59
CA ALA A 165 -3.39 8.35 12.26
C ALA A 165 -3.89 9.78 12.27
N ASP A 166 -2.98 10.74 12.22
CA ASP A 166 -3.33 12.15 12.28
C ASP A 166 -3.58 12.67 10.87
N GLU A 167 -4.79 13.18 10.65
CA GLU A 167 -5.16 13.71 9.35
C GLU A 167 -4.25 14.85 8.89
N SER A 168 -3.48 15.44 9.78
CA SER A 168 -2.63 16.57 9.40
C SER A 168 -1.20 16.15 9.09
N ASP A 169 -0.86 14.87 9.17
CA ASP A 169 0.50 14.43 8.86
C ASP A 169 0.65 14.10 7.38
N ALA A 170 1.85 14.37 6.87
CA ALA A 170 2.15 14.15 5.46
C ALA A 170 1.97 12.69 5.06
N SER A 171 2.07 11.76 6.00
CA SER A 171 1.99 10.33 5.69
C SER A 171 0.57 9.80 5.75
N PHE A 172 -0.37 10.60 6.27
CA PHE A 172 -1.74 10.14 6.49
C PHE A 172 -2.28 9.39 5.27
N LEU A 173 -2.08 9.92 4.07
CA LEU A 173 -2.68 9.30 2.90
C LEU A 173 -1.78 8.25 2.26
N HIS A 174 -0.64 7.93 2.86
CA HIS A 174 0.19 6.83 2.39
C HIS A 174 0.16 5.63 3.33
N LEU A 175 -0.55 5.71 4.46
CA LEU A 175 -0.63 4.56 5.35
C LEU A 175 -1.27 3.39 4.64
N GLN A 176 -0.84 2.18 4.99
CA GLN A 176 -1.37 0.96 4.39
C GLN A 176 -1.88 0.03 5.49
N PRO A 177 -3.01 0.37 6.12
CA PRO A 177 -3.54 -0.47 7.20
C PRO A 177 -4.32 -1.65 6.65
N MET A 178 -4.48 -2.67 7.51
CA MET A 178 -5.45 -3.74 7.29
C MET A 178 -6.82 -3.41 7.86
N VAL A 179 -6.86 -2.58 8.91
CA VAL A 179 -8.07 -2.15 9.60
C VAL A 179 -7.91 -0.67 9.88
N ALA A 180 -8.98 0.11 9.64
CA ALA A 180 -8.94 1.54 9.90
C ALA A 180 -10.22 1.97 10.61
N VAL A 181 -10.06 2.76 11.67
CA VAL A 181 -11.16 3.35 12.44
C VAL A 181 -11.29 4.80 12.07
N VAL A 182 -12.51 5.29 11.91
CA VAL A 182 -12.76 6.72 11.93
C VAL A 182 -13.74 7.01 13.07
N THR A 183 -13.26 7.70 14.10
CA THR A 183 -14.08 7.94 15.29
C THR A 183 -15.10 9.05 15.08
N ASN A 184 -14.74 10.10 14.34
CA ASN A 184 -15.55 11.29 14.11
C ASN A 184 -14.73 12.22 13.22
N ILE A 185 -15.42 13.13 12.53
CA ILE A 185 -14.77 14.13 11.68
C ILE A 185 -15.39 15.47 12.07
N ASP A 186 -14.61 16.32 12.76
CA ASP A 186 -15.11 17.57 13.33
C ASP A 186 -14.33 18.75 12.80
N ALA A 187 -15.04 19.80 12.40
CA ALA A 187 -14.43 21.06 11.96
C ALA A 187 -13.70 21.74 13.10
N ASP A 196 -13.28 23.63 2.30
CA ASP A 196 -12.22 23.32 3.23
C ASP A 196 -12.59 22.12 4.08
N PHE A 197 -13.68 22.26 4.85
CA PHE A 197 -14.28 21.10 5.50
C PHE A 197 -14.69 20.06 4.47
N ASN A 198 -15.22 20.49 3.33
CA ASN A 198 -15.49 19.56 2.24
C ASN A 198 -14.22 18.84 1.80
N LYS A 199 -13.06 19.52 1.87
CA LYS A 199 -11.82 18.85 1.52
C LYS A 199 -11.41 17.86 2.59
N LEU A 200 -11.68 18.17 3.87
CA LEU A 200 -11.35 17.26 4.96
C LEU A 200 -12.11 15.95 4.85
N LYS A 201 -13.41 16.02 4.50
CA LYS A 201 -14.17 14.82 4.22
C LYS A 201 -13.48 13.97 3.16
N LYS A 202 -13.01 14.61 2.08
CA LYS A 202 -12.38 13.87 1.00
C LYS A 202 -11.10 13.20 1.46
N THR A 203 -10.38 13.85 2.37
CA THR A 203 -9.15 13.26 2.89
C THR A 203 -9.44 11.99 3.68
N PHE A 204 -10.49 12.00 4.50
CA PHE A 204 -10.87 10.79 5.24
C PHE A 204 -11.41 9.71 4.31
N VAL A 205 -12.12 10.10 3.25
CA VAL A 205 -12.58 9.08 2.31
C VAL A 205 -11.38 8.45 1.59
N GLU A 206 -10.38 9.26 1.24
CA GLU A 206 -9.21 8.72 0.55
CA GLU A 206 -9.22 8.72 0.55
C GLU A 206 -8.39 7.83 1.48
N PHE A 207 -8.26 8.23 2.74
CA PHE A 207 -7.61 7.40 3.74
C PHE A 207 -8.24 6.01 3.79
N LEU A 208 -9.57 5.97 3.87
CA LEU A 208 -10.24 4.68 3.99
C LEU A 208 -10.07 3.82 2.76
N HIS A 209 -9.91 4.41 1.57
CA HIS A 209 -9.69 3.61 0.37
C HIS A 209 -8.26 3.10 0.24
N ASN A 210 -7.38 3.43 1.20
CA ASN A 210 -6.07 2.78 1.25
C ASN A 210 -6.15 1.39 1.86
N LEU A 211 -7.29 1.04 2.45
CA LEU A 211 -7.52 -0.34 2.85
C LEU A 211 -7.56 -1.26 1.63
N PRO A 212 -7.00 -2.46 1.73
CA PRO A 212 -7.26 -3.47 0.69
C PRO A 212 -8.75 -3.79 0.65
N PHE A 213 -9.20 -4.42 -0.43
CA PHE A 213 -10.61 -4.80 -0.50
C PHE A 213 -10.99 -5.79 0.57
N TYR A 214 -10.01 -6.55 1.08
CA TYR A 214 -10.25 -7.49 2.16
C TYR A 214 -9.97 -6.88 3.53
N GLY A 215 -9.73 -5.57 3.60
CA GLY A 215 -9.58 -4.88 4.85
C GLY A 215 -10.92 -4.55 5.48
N LEU A 216 -10.87 -3.75 6.54
CA LEU A 216 -12.08 -3.42 7.29
C LEU A 216 -12.03 -1.97 7.76
N ALA A 217 -13.11 -1.24 7.48
CA ALA A 217 -13.33 0.13 7.97
C ALA A 217 -14.33 0.09 9.12
N VAL A 218 -13.93 0.65 10.26
CA VAL A 218 -14.73 0.69 11.48
C VAL A 218 -15.16 2.13 11.67
N MET A 219 -16.48 2.38 11.64
CA MET A 219 -17.04 3.72 11.41
CA MET A 219 -16.98 3.73 11.46
C MET A 219 -18.04 4.07 12.50
N CYS A 220 -17.81 5.18 13.20
CA CYS A 220 -18.74 5.63 14.24
C CYS A 220 -19.94 6.33 13.61
N VAL A 221 -21.11 5.66 13.56
CA VAL A 221 -22.25 6.30 12.89
C VAL A 221 -23.00 7.26 13.79
N ASP A 222 -22.61 7.40 15.07
CA ASP A 222 -23.14 8.51 15.86
C ASP A 222 -22.57 9.84 15.40
N ASP A 223 -21.40 9.86 14.75
CA ASP A 223 -20.87 11.13 14.27
C ASP A 223 -21.57 11.54 12.99
N PRO A 224 -22.11 12.76 12.91
CA PRO A 224 -22.86 13.12 11.69
C PRO A 224 -22.03 13.05 10.42
N VAL A 225 -20.75 13.45 10.48
CA VAL A 225 -19.96 13.49 9.24
C VAL A 225 -19.52 12.08 8.84
N VAL A 226 -19.13 11.24 9.79
CA VAL A 226 -18.87 9.85 9.46
C VAL A 226 -20.12 9.19 8.87
N ARG A 227 -21.29 9.42 9.48
CA ARG A 227 -22.51 8.86 8.89
C ARG A 227 -22.72 9.35 7.47
N GLU A 228 -22.38 10.62 7.21
CA GLU A 228 -22.55 11.22 5.90
C GLU A 228 -21.64 10.56 4.85
N ILE A 229 -20.38 10.30 5.19
CA ILE A 229 -19.47 9.75 4.18
C ILE A 229 -19.55 8.24 4.08
N LEU A 230 -20.22 7.58 5.04
CA LEU A 230 -20.31 6.12 5.04
C LEU A 230 -20.67 5.52 3.68
N PRO A 231 -21.68 6.01 2.95
CA PRO A 231 -22.02 5.36 1.66
C PRO A 231 -20.95 5.48 0.60
N GLN A 232 -19.96 6.36 0.77
CA GLN A 232 -18.90 6.51 -0.21
C GLN A 232 -17.78 5.49 -0.03
N ILE A 233 -17.80 4.70 1.04
CA ILE A 233 -16.67 3.86 1.38
C ILE A 233 -16.88 2.50 0.73
N ALA A 234 -16.11 2.22 -0.31
CA ALA A 234 -16.21 0.97 -1.07
C ALA A 234 -15.28 -0.10 -0.52
N ARG A 235 -15.37 -0.28 0.80
CA ARG A 235 -14.59 -1.25 1.56
C ARG A 235 -15.53 -1.88 2.57
N PRO A 236 -15.25 -3.12 3.01
CA PRO A 236 -16.10 -3.73 4.04
C PRO A 236 -16.14 -2.86 5.28
N THR A 237 -17.33 -2.69 5.87
CA THR A 237 -17.52 -1.77 6.98
C THR A 237 -18.25 -2.46 8.13
N VAL A 238 -17.90 -2.07 9.35
CA VAL A 238 -18.68 -2.34 10.56
C VAL A 238 -18.90 -1.00 11.25
N THR A 239 -20.17 -0.68 11.51
CA THR A 239 -20.49 0.58 12.17
C THR A 239 -20.71 0.35 13.67
N TYR A 240 -20.48 1.40 14.46
CA TYR A 240 -20.68 1.30 15.89
C TYR A 240 -21.23 2.61 16.44
N GLY A 241 -21.84 2.52 17.62
CA GLY A 241 -22.32 3.71 18.32
C GLY A 241 -23.48 3.35 19.23
N LEU A 242 -24.07 4.39 19.81
CA LEU A 242 -25.32 4.23 20.54
C LEU A 242 -26.51 4.19 19.60
N SER A 243 -26.33 4.64 18.35
CA SER A 243 -27.41 4.68 17.35
C SER A 243 -28.12 3.35 17.23
N GLU A 244 -29.45 3.41 17.10
CA GLU A 244 -30.24 2.19 16.94
CA GLU A 244 -30.25 2.19 16.94
C GLU A 244 -29.80 1.38 15.72
N ASP A 245 -29.30 2.04 14.68
CA ASP A 245 -28.94 1.31 13.47
C ASP A 245 -27.45 0.94 13.41
N ALA A 246 -26.70 1.14 14.49
CA ALA A 246 -25.31 0.72 14.48
C ALA A 246 -25.20 -0.80 14.47
N ASP A 247 -24.23 -1.33 13.70
CA ASP A 247 -24.00 -2.78 13.71
C ASP A 247 -23.64 -3.28 15.10
N VAL A 248 -22.76 -2.54 15.78
CA VAL A 248 -22.26 -2.86 17.10
C VAL A 248 -22.68 -1.71 18.01
N ARG A 249 -23.56 -2.00 18.97
CA ARG A 249 -24.28 -0.95 19.67
C ARG A 249 -24.12 -1.06 21.18
N ALA A 250 -23.91 0.08 21.84
CA ALA A 250 -23.90 0.14 23.30
C ALA A 250 -25.31 0.44 23.80
N ILE A 251 -25.79 -0.37 24.75
CA ILE A 251 -27.07 -0.18 25.41
C ILE A 251 -26.89 -0.45 26.89
N ASN A 252 -27.95 -0.25 27.68
CA ASN A 252 -27.96 -0.63 29.10
C ASN A 252 -26.76 0.01 29.81
N ILE A 253 -26.61 1.31 29.62
CA ILE A 253 -25.44 2.05 30.09
C ILE A 253 -25.71 2.56 31.49
N ARG A 254 -24.82 2.25 32.43
CA ARG A 254 -24.94 2.68 33.82
C ARG A 254 -23.65 3.41 34.16
N GLN A 255 -23.78 4.67 34.52
CA GLN A 255 -22.63 5.55 34.67
C GLN A 255 -22.48 5.79 36.17
N GLU A 256 -21.57 5.03 36.78
CA GLU A 256 -21.45 4.91 38.23
C GLU A 256 -20.10 5.46 38.70
N GLY A 257 -20.07 6.77 38.96
CA GLY A 257 -18.83 7.40 39.38
C GLY A 257 -17.88 7.54 38.21
N MET A 258 -16.60 7.20 38.41
CA MET A 258 -15.63 7.24 37.34
C MET A 258 -15.71 6.02 36.42
N ARG A 259 -16.69 5.14 36.65
CA ARG A 259 -16.77 3.89 35.93
C ARG A 259 -18.09 3.84 35.16
N THR A 260 -18.05 3.28 33.96
CA THR A 260 -19.26 3.09 33.17
C THR A 260 -19.40 1.61 32.83
N TRP A 261 -20.56 1.05 33.12
CA TRP A 261 -20.96 -0.25 32.64
C TRP A 261 -21.86 -0.11 31.43
N PHE A 262 -21.71 -1.00 30.45
CA PHE A 262 -22.68 -1.05 29.36
C PHE A 262 -22.67 -2.43 28.73
N THR A 263 -23.77 -2.74 28.03
CA THR A 263 -23.92 -3.99 27.30
C THR A 263 -23.68 -3.70 25.83
N VAL A 264 -22.89 -4.53 25.16
CA VAL A 264 -22.63 -4.34 23.73
C VAL A 264 -23.36 -5.43 22.94
N LEU A 265 -24.08 -4.99 21.91
CA LEU A 265 -24.75 -5.90 20.98
C LEU A 265 -23.83 -6.06 19.78
N ARG A 266 -23.58 -7.29 19.38
CA ARG A 266 -22.75 -7.58 18.21
C ARG A 266 -23.48 -8.55 17.30
N PRO A 267 -23.33 -8.42 15.99
CA PRO A 267 -23.90 -9.41 15.06
C PRO A 267 -23.46 -10.82 15.41
N GLU A 268 -24.42 -11.73 15.47
CA GLU A 268 -24.17 -13.16 15.64
C GLU A 268 -23.55 -13.51 16.99
N ARG A 269 -23.66 -12.64 18.00
CA ARG A 269 -23.14 -12.92 19.34
C ARG A 269 -24.21 -12.61 20.38
N GLU A 270 -24.07 -13.23 21.56
CA GLU A 270 -24.90 -12.85 22.69
C GLU A 270 -24.46 -11.49 23.25
N PRO A 271 -25.40 -10.74 23.83
CA PRO A 271 -25.02 -9.44 24.42
C PRO A 271 -23.94 -9.64 25.48
N LEU A 272 -22.99 -8.70 25.54
CA LEU A 272 -21.83 -8.81 26.41
C LEU A 272 -21.75 -7.59 27.32
N ASP A 273 -21.75 -7.79 28.64
CA ASP A 273 -21.66 -6.68 29.57
CA ASP A 273 -21.64 -6.69 29.58
C ASP A 273 -20.17 -6.36 29.80
N VAL A 274 -19.81 -5.09 29.66
CA VAL A 274 -18.43 -4.66 29.85
C VAL A 274 -18.40 -3.45 30.78
N SER A 275 -17.18 -3.05 31.17
CA SER A 275 -17.05 -1.81 31.93
C SER A 275 -15.72 -1.15 31.56
N VAL A 276 -15.68 0.16 31.73
CA VAL A 276 -14.47 0.94 31.47
C VAL A 276 -14.33 1.93 32.62
N ASN A 277 -13.11 2.14 33.08
CA ASN A 277 -12.95 2.99 34.26
C ASN A 277 -12.51 4.41 33.87
N MET A 278 -13.23 4.99 32.93
CA MET A 278 -13.02 6.35 32.48
C MET A 278 -14.43 6.84 32.20
N PRO A 279 -14.84 7.96 32.78
CA PRO A 279 -16.23 8.39 32.61
C PRO A 279 -16.46 9.09 31.28
N GLY A 280 -17.74 9.33 30.97
CA GLY A 280 -18.10 10.06 29.78
C GLY A 280 -18.57 9.20 28.63
N LEU A 281 -19.63 9.64 27.91
CA LEU A 281 -20.13 8.79 26.84
CA LEU A 281 -20.16 8.87 26.80
C LEU A 281 -19.09 8.61 25.75
N HIS A 282 -18.21 9.59 25.54
CA HIS A 282 -17.18 9.40 24.54
C HIS A 282 -16.29 8.20 24.86
N ASN A 283 -16.14 7.84 26.13
CA ASN A 283 -15.33 6.66 26.45
C ASN A 283 -16.09 5.36 26.27
N VAL A 284 -17.43 5.40 26.32
CA VAL A 284 -18.21 4.29 25.78
C VAL A 284 -17.92 4.12 24.29
N LEU A 285 -17.84 5.24 23.56
CA LEU A 285 -17.60 5.13 22.12
C LEU A 285 -16.17 4.64 21.82
N ASN A 286 -15.17 5.16 22.54
CA ASN A 286 -13.81 4.64 22.43
C ASN A 286 -13.77 3.14 22.67
N SER A 287 -14.53 2.67 23.66
CA SER A 287 -14.57 1.23 23.98
C SER A 287 -15.30 0.44 22.89
N LEU A 288 -16.36 1.00 22.30
CA LEU A 288 -17.05 0.30 21.22
C LEU A 288 -16.14 0.10 20.02
N ALA A 289 -15.39 1.13 19.62
CA ALA A 289 -14.45 0.96 18.51
C ALA A 289 -13.49 -0.19 18.80
N THR A 290 -12.97 -0.24 20.04
CA THR A 290 -12.08 -1.29 20.48
C THR A 290 -12.75 -2.66 20.39
N ILE A 291 -14.01 -2.74 20.81
CA ILE A 291 -14.74 -4.01 20.78
C ILE A 291 -14.92 -4.49 19.34
N VAL A 292 -15.20 -3.56 18.41
CA VAL A 292 -15.35 -3.97 17.01
C VAL A 292 -14.07 -4.62 16.51
N ILE A 293 -12.95 -3.97 16.77
CA ILE A 293 -11.67 -4.42 16.26
C ILE A 293 -11.26 -5.73 16.93
N ALA A 294 -11.44 -5.82 18.26
CA ALA A 294 -11.12 -7.06 18.95
C ALA A 294 -11.98 -8.21 18.47
N THR A 295 -13.27 -7.96 18.26
CA THR A 295 -14.17 -9.01 17.81
C THR A 295 -13.72 -9.52 16.44
N ASP A 296 -13.42 -8.58 15.54
CA ASP A 296 -13.00 -8.94 14.19
C ASP A 296 -11.75 -9.80 14.21
N GLU A 297 -10.87 -9.55 15.17
CA GLU A 297 -9.61 -10.28 15.25
C GLU A 297 -9.76 -11.62 15.94
N GLY A 298 -10.95 -11.93 16.45
CA GLY A 298 -11.18 -13.20 17.11
C GLY A 298 -10.84 -13.25 18.59
N ILE A 299 -10.69 -12.09 19.24
CA ILE A 299 -10.35 -12.04 20.67
C ILE A 299 -11.55 -12.44 21.53
N SER A 300 -11.29 -13.17 22.63
CA SER A 300 -12.35 -13.71 23.48
C SER A 300 -13.07 -12.61 24.27
N ASP A 301 -14.32 -12.93 24.68
CA ASP A 301 -15.06 -12.05 25.59
C ASP A 301 -14.24 -11.74 26.85
N GLU A 302 -13.59 -12.76 27.44
CA GLU A 302 -12.83 -12.56 28.67
C GLU A 302 -11.72 -11.54 28.46
N ALA A 303 -11.01 -11.63 27.33
CA ALA A 303 -9.92 -10.69 27.07
C ALA A 303 -10.44 -9.29 26.79
N ILE A 304 -11.58 -9.18 26.11
CA ILE A 304 -12.19 -7.87 25.94
C ILE A 304 -12.54 -7.27 27.30
N VAL A 305 -13.21 -8.06 28.15
CA VAL A 305 -13.61 -7.54 29.45
C VAL A 305 -12.38 -7.13 30.28
N GLN A 306 -11.35 -7.99 30.29
CA GLN A 306 -10.13 -7.68 31.07
C GLN A 306 -9.42 -6.45 30.53
N GLY A 307 -9.24 -6.39 29.22
CA GLY A 307 -8.50 -5.27 28.63
C GLY A 307 -9.19 -3.94 28.82
N LEU A 308 -10.53 -3.92 28.69
CA LEU A 308 -11.25 -2.67 28.95
C LEU A 308 -11.23 -2.28 30.42
N SER A 309 -11.47 -3.24 31.32
CA SER A 309 -11.65 -2.85 32.72
C SER A 309 -10.32 -2.49 33.37
N GLY A 310 -9.22 -3.05 32.88
CA GLY A 310 -7.94 -2.83 33.54
C GLY A 310 -7.23 -1.56 33.11
N PHE A 311 -7.70 -0.94 32.04
CA PHE A 311 -7.04 0.26 31.51
C PHE A 311 -7.17 1.40 32.50
N GLN A 312 -6.03 1.97 32.91
CA GLN A 312 -6.01 3.02 33.90
C GLN A 312 -6.03 4.43 33.32
N GLY A 313 -5.81 4.59 32.01
CA GLY A 313 -5.75 5.91 31.44
C GLY A 313 -4.55 6.14 30.56
N VAL A 314 -4.68 7.08 29.60
CA VAL A 314 -3.60 7.33 28.66
C VAL A 314 -2.33 7.69 29.43
N GLY A 315 -1.23 7.05 29.06
CA GLY A 315 0.07 7.38 29.62
C GLY A 315 0.25 6.96 31.05
N ARG A 316 -0.54 6.01 31.53
CA ARG A 316 -0.39 5.52 32.90
C ARG A 316 0.19 4.10 32.88
N HIS B 7 -9.75 -11.93 6.88
CA HIS B 7 -10.00 -11.72 5.45
C HIS B 7 -11.49 -11.45 5.17
N HIS B 8 -11.80 -10.21 4.81
CA HIS B 8 -13.17 -9.74 4.63
C HIS B 8 -13.64 -9.79 3.19
N MET B 9 -12.90 -10.48 2.32
CA MET B 9 -13.27 -10.68 0.93
C MET B 9 -13.06 -12.16 0.63
N ARG B 10 -14.14 -12.92 0.52
CA ARG B 10 -14.05 -14.30 0.13
C ARG B 10 -14.71 -14.56 -1.21
N ARG B 11 -15.85 -13.92 -1.46
CA ARG B 11 -16.61 -14.10 -2.69
C ARG B 11 -16.72 -12.77 -3.41
N ILE B 12 -16.34 -12.75 -4.68
CA ILE B 12 -16.36 -11.54 -5.49
C ILE B 12 -17.31 -11.77 -6.65
N HIS B 13 -18.25 -10.85 -6.82
CA HIS B 13 -19.27 -10.97 -7.86
C HIS B 13 -19.09 -9.89 -8.92
N PHE B 14 -18.98 -10.32 -10.18
CA PHE B 14 -18.81 -9.45 -11.34
C PHE B 14 -20.14 -9.22 -12.05
N VAL B 15 -20.52 -7.95 -12.24
CA VAL B 15 -21.74 -7.63 -12.97
C VAL B 15 -21.35 -7.43 -14.43
N GLY B 16 -21.73 -8.37 -15.30
CA GLY B 16 -21.27 -8.34 -16.68
C GLY B 16 -19.89 -8.96 -16.84
N ILE B 17 -19.72 -10.19 -16.32
CA ILE B 17 -18.42 -10.87 -16.24
C ILE B 17 -17.89 -11.27 -17.61
N GLY B 18 -18.77 -11.41 -18.59
CA GLY B 18 -18.36 -11.74 -19.94
C GLY B 18 -17.76 -10.59 -20.71
N GLY B 19 -17.76 -9.38 -20.14
CA GLY B 19 -17.31 -8.20 -20.85
C GLY B 19 -15.80 -8.00 -20.80
N ALA B 20 -15.35 -7.06 -21.63
CA ALA B 20 -13.92 -6.82 -21.79
C ALA B 20 -13.31 -6.33 -20.50
N GLY B 21 -12.11 -6.80 -20.20
CA GLY B 21 -11.45 -6.39 -18.97
C GLY B 21 -12.03 -7.13 -17.79
N MET B 22 -13.34 -7.37 -17.79
CA MET B 22 -13.95 -8.09 -16.68
C MET B 22 -13.49 -9.55 -16.63
N CYS B 23 -13.47 -10.23 -17.78
CA CYS B 23 -13.23 -11.68 -17.76
C CYS B 23 -11.81 -12.02 -17.34
N GLY B 24 -10.83 -11.18 -17.69
CA GLY B 24 -9.47 -11.46 -17.25
C GLY B 24 -9.28 -11.25 -15.75
N ILE B 25 -9.87 -10.19 -15.21
CA ILE B 25 -9.81 -9.94 -13.78
C ILE B 25 -10.37 -11.13 -13.01
N ALA B 26 -11.54 -11.62 -13.44
CA ALA B 26 -12.17 -12.77 -12.78
C ALA B 26 -11.25 -13.99 -12.80
N GLU B 27 -10.58 -14.23 -13.95
CA GLU B 27 -9.67 -15.36 -14.06
C GLU B 27 -8.51 -15.23 -13.09
N VAL B 28 -7.91 -14.02 -12.99
CA VAL B 28 -6.83 -13.81 -12.02
C VAL B 28 -7.33 -14.09 -10.60
N LEU B 29 -8.51 -13.57 -10.24
CA LEU B 29 -9.01 -13.76 -8.88
C LEU B 29 -9.28 -15.22 -8.59
N LEU B 30 -9.76 -15.97 -9.59
CA LEU B 30 -9.93 -17.41 -9.39
C LEU B 30 -8.58 -18.06 -9.14
N ASN B 31 -7.54 -17.61 -9.84
CA ASN B 31 -6.24 -18.22 -9.66
C ASN B 31 -5.59 -17.81 -8.35
N LEU B 32 -5.99 -16.68 -7.78
CA LEU B 32 -5.57 -16.29 -6.43
C LEU B 32 -6.30 -17.07 -5.34
N GLY B 33 -7.33 -17.84 -5.69
CA GLY B 33 -8.03 -18.67 -4.73
C GLY B 33 -9.36 -18.13 -4.25
N TYR B 34 -9.84 -17.01 -4.80
CA TYR B 34 -11.10 -16.46 -4.34
C TYR B 34 -12.27 -17.22 -4.96
N GLU B 35 -13.42 -17.13 -4.30
CA GLU B 35 -14.68 -17.56 -4.90
C GLU B 35 -15.16 -16.45 -5.81
N VAL B 36 -15.46 -16.76 -7.07
CA VAL B 36 -15.86 -15.74 -8.04
C VAL B 36 -17.21 -16.14 -8.62
N SER B 37 -18.13 -15.19 -8.67
CA SER B 37 -19.35 -15.38 -9.43
C SER B 37 -19.50 -14.19 -10.37
N GLY B 38 -20.46 -14.30 -11.30
CA GLY B 38 -20.67 -13.23 -12.25
C GLY B 38 -21.96 -13.41 -12.99
N SER B 39 -22.56 -12.29 -13.40
CA SER B 39 -23.74 -12.28 -14.24
C SER B 39 -23.38 -11.74 -15.61
N ASP B 40 -24.15 -12.16 -16.61
CA ASP B 40 -24.01 -11.62 -17.95
C ASP B 40 -25.34 -11.79 -18.67
N LEU B 41 -25.58 -10.93 -19.66
CA LEU B 41 -26.83 -11.02 -20.39
C LEU B 41 -26.84 -12.18 -21.38
N LYS B 42 -25.68 -12.74 -21.70
CA LYS B 42 -25.66 -13.83 -22.68
C LYS B 42 -24.49 -14.75 -22.39
N ALA B 43 -24.76 -16.05 -22.41
CA ALA B 43 -23.70 -17.03 -22.22
C ALA B 43 -22.83 -17.08 -23.47
N SER B 44 -21.54 -17.25 -23.27
CA SER B 44 -20.60 -17.20 -24.38
C SER B 44 -19.45 -18.15 -24.09
N ALA B 45 -18.54 -18.28 -25.06
CA ALA B 45 -17.31 -19.03 -24.83
C ALA B 45 -16.52 -18.44 -23.69
N VAL B 46 -16.59 -17.11 -23.51
CA VAL B 46 -15.89 -16.47 -22.39
C VAL B 46 -16.48 -16.94 -21.07
N THR B 47 -17.80 -16.99 -20.96
CA THR B 47 -18.40 -17.41 -19.69
C THR B 47 -18.25 -18.91 -19.46
N GLU B 48 -18.31 -19.71 -20.53
CA GLU B 48 -18.17 -21.16 -20.33
C GLU B 48 -16.74 -21.51 -19.91
N ARG B 49 -15.76 -20.77 -20.42
CA ARG B 49 -14.38 -20.94 -19.98
C ARG B 49 -14.20 -20.47 -18.53
N LEU B 50 -14.90 -19.41 -18.13
CA LEU B 50 -14.82 -18.95 -16.75
C LEU B 50 -15.41 -19.98 -15.79
N GLU B 51 -16.53 -20.61 -16.13
CA GLU B 51 -17.05 -21.59 -15.17
C GLU B 51 -16.22 -22.87 -15.12
N LYS B 52 -15.46 -23.19 -16.17
CA LYS B 52 -14.53 -24.32 -16.05
C LYS B 52 -13.37 -23.99 -15.12
N PHE B 53 -13.04 -22.71 -14.98
CA PHE B 53 -12.03 -22.25 -14.03
C PHE B 53 -12.57 -22.09 -12.61
N GLY B 54 -13.87 -22.27 -12.41
CA GLY B 54 -14.47 -22.25 -11.09
C GLY B 54 -15.49 -21.16 -10.88
N ALA B 55 -15.75 -20.32 -11.87
CA ALA B 55 -16.71 -19.23 -11.67
C ALA B 55 -18.13 -19.78 -11.63
N GLN B 56 -18.96 -19.18 -10.77
CA GLN B 56 -20.39 -19.42 -10.82
C GLN B 56 -21.02 -18.36 -11.72
N ILE B 57 -21.67 -18.77 -12.80
CA ILE B 57 -22.18 -17.85 -13.80
C ILE B 57 -23.71 -17.79 -13.70
N PHE B 58 -24.25 -16.57 -13.66
CA PHE B 58 -25.70 -16.34 -13.76
C PHE B 58 -25.99 -15.63 -15.07
N ILE B 59 -27.07 -16.00 -15.73
CA ILE B 59 -27.46 -15.34 -16.97
C ILE B 59 -28.64 -14.41 -16.67
N GLY B 60 -28.51 -13.16 -17.09
CA GLY B 60 -29.48 -12.14 -16.74
C GLY B 60 -29.11 -11.51 -15.41
N HIS B 61 -29.80 -10.42 -15.09
CA HIS B 61 -29.55 -9.71 -13.84
C HIS B 61 -30.77 -9.81 -12.96
N GLN B 62 -30.56 -10.26 -11.72
CA GLN B 62 -31.61 -10.30 -10.73
C GLN B 62 -30.93 -10.13 -9.39
N ALA B 63 -31.64 -9.52 -8.44
CA ALA B 63 -31.04 -9.16 -7.15
C ALA B 63 -30.35 -10.34 -6.49
N GLU B 64 -30.97 -11.52 -6.59
CA GLU B 64 -30.47 -12.72 -5.93
C GLU B 64 -29.08 -13.12 -6.40
N ASN B 65 -28.65 -12.67 -7.59
CA ASN B 65 -27.34 -13.04 -8.08
C ASN B 65 -26.22 -12.48 -7.19
N ALA B 66 -26.47 -11.39 -6.49
CA ALA B 66 -25.48 -10.80 -5.59
C ALA B 66 -25.43 -11.47 -4.22
N ASP B 67 -26.38 -12.34 -3.89
CA ASP B 67 -26.43 -12.93 -2.54
C ASP B 67 -25.11 -13.63 -2.18
N GLY B 68 -24.61 -13.34 -0.98
CA GLY B 68 -23.40 -13.96 -0.53
C GLY B 68 -22.11 -13.31 -0.98
N ALA B 69 -22.15 -12.35 -1.90
CA ALA B 69 -20.92 -11.71 -2.36
C ALA B 69 -20.44 -10.73 -1.30
N ASP B 70 -19.10 -10.67 -1.12
CA ASP B 70 -18.50 -9.66 -0.24
C ASP B 70 -18.17 -8.38 -0.96
N VAL B 71 -17.97 -8.44 -2.27
CA VAL B 71 -17.59 -7.29 -3.09
CA VAL B 71 -17.67 -7.26 -3.06
C VAL B 71 -18.19 -7.50 -4.47
N LEU B 72 -18.68 -6.42 -5.07
CA LEU B 72 -19.16 -6.42 -6.44
C LEU B 72 -18.21 -5.62 -7.30
N VAL B 73 -17.96 -6.11 -8.50
CA VAL B 73 -17.20 -5.38 -9.51
C VAL B 73 -18.11 -5.06 -10.67
N VAL B 74 -18.09 -3.80 -11.10
CA VAL B 74 -18.91 -3.35 -12.21
C VAL B 74 -17.99 -2.77 -13.28
N SER B 75 -18.51 -2.63 -14.50
CA SER B 75 -17.65 -2.23 -15.61
C SER B 75 -17.07 -0.82 -15.41
N SER B 76 -17.92 0.14 -15.07
CA SER B 76 -17.42 1.47 -14.71
C SER B 76 -18.38 2.20 -13.76
N ALA B 77 -19.37 2.89 -14.31
CA ALA B 77 -20.33 3.61 -13.49
C ALA B 77 -21.09 2.67 -12.57
N ILE B 78 -21.50 3.19 -11.42
CA ILE B 78 -22.29 2.43 -10.44
C ILE B 78 -23.75 2.74 -10.75
N ASN B 79 -24.46 1.75 -11.30
CA ASN B 79 -25.83 1.93 -11.78
CA ASN B 79 -25.83 1.94 -11.77
C ASN B 79 -26.79 1.24 -10.81
N ARG B 80 -27.41 2.02 -9.92
CA ARG B 80 -28.37 1.43 -8.97
C ARG B 80 -29.63 0.91 -9.65
N ALA B 81 -29.83 1.24 -10.92
CA ALA B 81 -30.95 0.64 -11.64
C ALA B 81 -30.75 -0.85 -11.88
N ASN B 82 -29.50 -1.34 -11.79
CA ASN B 82 -29.23 -2.77 -11.91
C ASN B 82 -29.57 -3.47 -10.59
N PRO B 83 -30.44 -4.49 -10.61
CA PRO B 83 -30.89 -5.08 -9.34
C PRO B 83 -29.78 -5.71 -8.49
N GLU B 84 -28.71 -6.22 -9.11
CA GLU B 84 -27.63 -6.77 -8.30
C GLU B 84 -26.88 -5.67 -7.59
N VAL B 85 -26.63 -4.56 -8.28
CA VAL B 85 -25.96 -3.43 -7.65
C VAL B 85 -26.84 -2.85 -6.55
N ALA B 86 -28.12 -2.68 -6.83
CA ALA B 86 -29.03 -2.10 -5.85
C ALA B 86 -29.07 -2.92 -4.57
N SER B 87 -29.09 -4.25 -4.70
CA SER B 87 -29.07 -5.11 -3.53
C SER B 87 -27.79 -4.94 -2.72
N ALA B 88 -26.65 -4.95 -3.41
CA ALA B 88 -25.37 -4.70 -2.75
C ALA B 88 -25.36 -3.36 -2.03
N LEU B 89 -25.78 -2.28 -2.72
CA LEU B 89 -25.73 -0.95 -2.10
C LEU B 89 -26.62 -0.88 -0.86
N GLU B 90 -27.80 -1.50 -0.93
CA GLU B 90 -28.71 -1.48 0.21
C GLU B 90 -28.08 -2.14 1.43
N ARG B 91 -27.13 -3.06 1.25
CA ARG B 91 -26.55 -3.81 2.36
C ARG B 91 -25.12 -3.36 2.69
N ARG B 92 -24.67 -2.24 2.12
CA ARG B 92 -23.30 -1.76 2.29
C ARG B 92 -22.28 -2.79 1.84
N ILE B 93 -22.61 -3.61 0.84
CA ILE B 93 -21.59 -4.41 0.16
C ILE B 93 -20.83 -3.51 -0.81
N PRO B 94 -19.50 -3.43 -0.72
CA PRO B 94 -18.73 -2.58 -1.63
C PRO B 94 -19.01 -2.91 -3.08
N VAL B 95 -19.10 -1.86 -3.88
CA VAL B 95 -19.24 -1.95 -5.34
C VAL B 95 -18.14 -1.11 -5.93
N VAL B 96 -17.27 -1.74 -6.73
CA VAL B 96 -16.09 -1.04 -7.26
C VAL B 96 -16.01 -1.18 -8.77
N PRO B 97 -15.54 -0.16 -9.49
CA PRO B 97 -15.34 -0.30 -10.93
C PRO B 97 -14.16 -1.23 -11.24
N ARG B 98 -14.20 -1.80 -12.44
CA ARG B 98 -13.17 -2.76 -12.79
C ARG B 98 -11.79 -2.15 -12.78
N ALA B 99 -11.64 -0.84 -13.08
CA ALA B 99 -10.29 -0.24 -13.05
C ALA B 99 -9.66 -0.33 -11.66
N GLU B 100 -10.48 -0.22 -10.62
CA GLU B 100 -9.96 -0.26 -9.26
C GLU B 100 -9.63 -1.68 -8.81
N MET B 101 -10.45 -2.67 -9.22
CA MET B 101 -10.10 -4.05 -8.94
C MET B 101 -8.88 -4.49 -9.75
N LEU B 102 -8.72 -3.96 -10.96
CA LEU B 102 -7.52 -4.25 -11.73
C LEU B 102 -6.27 -3.75 -11.00
N ALA B 103 -6.34 -2.51 -10.51
CA ALA B 103 -5.20 -1.95 -9.78
C ALA B 103 -4.93 -2.75 -8.51
N GLU B 104 -6.00 -3.24 -7.88
CA GLU B 104 -5.84 -3.97 -6.63
C GLU B 104 -5.06 -5.27 -6.79
N LEU B 105 -5.03 -5.86 -8.00
CA LEU B 105 -4.29 -7.10 -8.23
C LEU B 105 -2.81 -6.95 -7.91
N MET B 106 -2.23 -5.75 -8.03
CA MET B 106 -0.83 -5.59 -7.73
C MET B 106 -0.51 -5.87 -6.28
N ARG B 107 -1.50 -5.78 -5.40
CA ARG B 107 -1.26 -6.13 -4.00
C ARG B 107 -0.85 -7.59 -3.82
N TYR B 108 -1.23 -8.47 -4.76
CA TYR B 108 -0.93 -9.88 -4.64
C TYR B 108 0.28 -10.33 -5.41
N ARG B 109 0.89 -9.44 -6.19
CA ARG B 109 1.93 -9.87 -7.11
C ARG B 109 3.11 -8.93 -7.01
N HIS B 110 4.21 -9.30 -7.65
CA HIS B 110 5.35 -8.40 -7.80
C HIS B 110 4.97 -7.47 -8.96
N GLY B 111 4.48 -6.28 -8.62
CA GLY B 111 3.89 -5.38 -9.61
C GLY B 111 4.94 -4.46 -10.19
N ILE B 112 4.91 -4.31 -11.51
CA ILE B 112 5.78 -3.40 -12.24
C ILE B 112 4.85 -2.45 -12.99
N ALA B 113 4.84 -1.19 -12.60
CA ALA B 113 3.96 -0.18 -13.16
C ALA B 113 4.76 0.71 -14.10
N VAL B 114 4.29 0.84 -15.33
CA VAL B 114 5.00 1.58 -16.39
C VAL B 114 4.21 2.85 -16.65
N ALA B 115 4.75 3.99 -16.23
CA ALA B 115 4.09 5.28 -16.36
C ALA B 115 4.92 6.21 -17.25
N GLY B 116 4.32 7.34 -17.57
CA GLY B 116 4.91 8.32 -18.47
C GLY B 116 3.98 8.65 -19.61
N THR B 117 4.31 9.75 -20.30
CA THR B 117 3.43 10.17 -21.37
C THR B 117 3.55 9.26 -22.59
N HIS B 118 4.77 8.98 -23.03
CA HIS B 118 5.06 8.23 -24.24
C HIS B 118 5.93 7.03 -23.91
N GLY B 119 5.67 5.90 -24.59
CA GLY B 119 6.46 4.70 -24.37
C GLY B 119 5.88 3.65 -23.43
N LYS B 120 4.72 3.92 -22.80
CA LYS B 120 4.19 2.97 -21.81
C LYS B 120 3.86 1.61 -22.44
N THR B 121 3.18 1.63 -23.59
CA THR B 121 2.73 0.36 -24.17
C THR B 121 3.91 -0.42 -24.71
N THR B 122 4.80 0.25 -25.43
CA THR B 122 5.96 -0.43 -25.97
C THR B 122 6.85 -0.96 -24.86
N THR B 123 7.10 -0.15 -23.82
CA THR B 123 7.95 -0.62 -22.72
C THR B 123 7.31 -1.77 -21.96
N THR B 124 6.02 -1.67 -21.66
CA THR B 124 5.34 -2.81 -21.05
C THR B 124 5.53 -4.09 -21.87
N SER B 125 5.38 -3.96 -23.19
CA SER B 125 5.55 -5.12 -24.08
C SER B 125 6.97 -5.64 -24.10
N LEU B 126 7.95 -4.73 -24.12
CA LEU B 126 9.35 -5.17 -24.10
C LEU B 126 9.69 -5.85 -22.79
N ILE B 127 9.16 -5.35 -21.68
CA ILE B 127 9.37 -6.01 -20.39
C ILE B 127 8.82 -7.43 -20.43
N ALA B 128 7.60 -7.58 -20.94
CA ALA B 128 7.00 -8.91 -21.01
C ALA B 128 7.85 -9.85 -21.87
N SER B 129 8.39 -9.33 -22.97
CA SER B 129 9.20 -10.14 -23.87
C SER B 129 10.50 -10.61 -23.21
N VAL B 130 11.18 -9.70 -22.52
CA VAL B 130 12.45 -10.06 -21.89
C VAL B 130 12.21 -11.00 -20.71
N PHE B 131 11.16 -10.73 -19.92
CA PHE B 131 10.81 -11.65 -18.84
C PHE B 131 10.44 -13.03 -19.36
N ALA B 132 9.74 -13.10 -20.48
CA ALA B 132 9.44 -14.41 -21.06
C ALA B 132 10.71 -15.11 -21.54
N ALA B 133 11.65 -14.36 -22.11
CA ALA B 133 12.90 -14.99 -22.54
C ALA B 133 13.68 -15.53 -21.35
N GLY B 134 13.48 -14.95 -20.17
CA GLY B 134 14.08 -15.47 -18.95
C GLY B 134 13.23 -16.48 -18.19
N GLY B 135 12.14 -16.95 -18.79
CA GLY B 135 11.30 -17.94 -18.15
C GLY B 135 10.45 -17.42 -17.00
N LEU B 136 10.23 -16.11 -16.93
CA LEU B 136 9.50 -15.53 -15.80
C LEU B 136 8.03 -15.28 -16.10
N ASP B 137 7.65 -15.26 -17.38
CA ASP B 137 6.27 -15.41 -17.83
C ASP B 137 5.22 -14.55 -17.12
N PRO B 138 5.37 -13.23 -17.13
CA PRO B 138 4.45 -12.37 -16.38
C PRO B 138 3.08 -12.29 -17.02
N THR B 139 2.10 -11.96 -16.18
CA THR B 139 0.87 -11.37 -16.70
C THR B 139 1.11 -9.89 -16.94
N PHE B 140 0.60 -9.37 -18.06
CA PHE B 140 0.83 -7.97 -18.36
C PHE B 140 -0.47 -7.35 -18.85
N VAL B 141 -0.60 -6.05 -18.60
CA VAL B 141 -1.86 -5.32 -18.78
C VAL B 141 -1.60 -4.19 -19.76
N ILE B 142 -2.25 -4.26 -20.92
CA ILE B 142 -2.18 -3.20 -21.92
C ILE B 142 -3.61 -2.88 -22.34
N GLY B 143 -3.96 -1.59 -22.28
CA GLY B 143 -5.30 -1.16 -22.66
C GLY B 143 -6.39 -1.77 -21.81
N GLY B 144 -6.12 -2.00 -20.52
CA GLY B 144 -7.12 -2.57 -19.64
C GLY B 144 -7.37 -4.04 -19.80
N ARG B 145 -6.54 -4.75 -20.57
CA ARG B 145 -6.74 -6.16 -20.86
C ARG B 145 -5.54 -6.95 -20.35
N LEU B 146 -5.81 -8.07 -19.67
CA LEU B 146 -4.77 -8.91 -19.09
C LEU B 146 -4.31 -9.95 -20.11
N ASN B 147 -2.98 -10.15 -20.21
CA ASN B 147 -2.38 -11.10 -21.14
C ASN B 147 -1.33 -11.93 -20.43
N ALA B 148 -1.09 -13.16 -20.91
CA ALA B 148 -0.08 -14.02 -20.30
C ALA B 148 1.09 -14.15 -21.26
N ALA B 149 2.30 -13.83 -20.79
CA ALA B 149 3.51 -13.95 -21.60
C ALA B 149 4.21 -15.28 -21.30
N GLY B 150 4.93 -15.80 -22.30
CA GLY B 150 5.72 -17.00 -22.12
C GLY B 150 4.92 -18.29 -22.22
N THR B 151 5.46 -19.36 -21.63
CA THR B 151 4.80 -20.65 -21.83
C THR B 151 3.62 -20.84 -20.89
N ASN B 152 3.55 -20.04 -19.81
CA ASN B 152 2.50 -20.17 -18.82
C ASN B 152 1.24 -19.49 -19.33
N ALA B 153 0.16 -20.26 -19.47
CA ALA B 153 -1.09 -19.78 -20.03
C ALA B 153 -2.12 -19.32 -19.00
N GLN B 154 -1.87 -19.49 -17.70
CA GLN B 154 -2.86 -19.18 -16.68
C GLN B 154 -2.74 -17.71 -16.26
N LEU B 155 -3.81 -16.92 -16.45
CA LEU B 155 -3.73 -15.50 -16.12
C LEU B 155 -3.54 -15.30 -14.62
N GLY B 156 -2.56 -14.47 -14.26
CA GLY B 156 -2.27 -14.14 -12.89
C GLY B 156 -1.50 -15.19 -12.14
N ALA B 157 -1.23 -16.33 -12.77
CA ALA B 157 -0.50 -17.39 -12.07
C ALA B 157 0.93 -16.97 -11.82
N SER B 158 1.51 -16.17 -12.70
CA SER B 158 2.88 -15.72 -12.55
C SER B 158 3.04 -14.88 -11.28
N ARG B 159 4.27 -14.89 -10.77
CA ARG B 159 4.65 -14.00 -9.69
C ARG B 159 4.59 -12.53 -10.11
N TYR B 160 4.78 -12.25 -11.39
CA TYR B 160 4.94 -10.90 -11.89
C TYR B 160 3.67 -10.37 -12.55
N LEU B 161 3.41 -9.08 -12.34
CA LEU B 161 2.29 -8.41 -12.99
C LEU B 161 2.81 -7.08 -13.53
N VAL B 162 2.85 -6.93 -14.84
CA VAL B 162 3.39 -5.73 -15.47
C VAL B 162 2.22 -4.96 -16.07
N ALA B 163 2.12 -3.67 -15.78
CA ALA B 163 0.93 -2.94 -16.20
C ALA B 163 1.26 -1.51 -16.60
N GLU B 164 0.66 -1.06 -17.70
CA GLU B 164 0.62 0.37 -18.00
C GLU B 164 -0.06 1.12 -16.88
N ALA B 165 0.47 2.30 -16.55
CA ALA B 165 -0.10 3.15 -15.50
C ALA B 165 -0.41 4.50 -16.14
N ASP B 166 -1.68 4.78 -16.40
CA ASP B 166 -2.05 6.04 -17.06
C ASP B 166 -2.44 7.06 -16.00
N GLU B 167 -1.77 8.21 -16.03
CA GLU B 167 -1.92 9.18 -14.95
C GLU B 167 -3.30 9.85 -14.98
N SER B 168 -4.02 9.76 -16.09
CA SER B 168 -5.39 10.27 -16.15
C SER B 168 -6.41 9.30 -15.57
N ASP B 169 -6.02 8.09 -15.17
CA ASP B 169 -6.97 7.15 -14.61
CA ASP B 169 -6.97 7.14 -14.60
C ASP B 169 -7.19 7.44 -13.12
N ALA B 170 -8.45 7.30 -12.69
CA ALA B 170 -8.75 7.50 -11.27
C ALA B 170 -8.00 6.50 -10.40
N SER B 171 -7.60 5.36 -10.95
CA SER B 171 -6.88 4.34 -10.20
C SER B 171 -5.38 4.60 -10.13
N PHE B 172 -4.88 5.62 -10.82
CA PHE B 172 -3.43 5.83 -10.93
C PHE B 172 -2.76 5.84 -9.56
N LEU B 173 -3.27 6.68 -8.64
CA LEU B 173 -2.66 6.84 -7.34
C LEU B 173 -3.05 5.76 -6.34
N HIS B 174 -3.74 4.70 -6.75
CA HIS B 174 -3.98 3.58 -5.84
C HIS B 174 -3.21 2.33 -6.22
N LEU B 175 -2.27 2.44 -7.16
CA LEU B 175 -1.43 1.30 -7.46
C LEU B 175 -0.45 1.10 -6.32
N GLN B 176 -0.10 -0.16 -6.08
CA GLN B 176 0.90 -0.52 -5.07
C GLN B 176 1.98 -1.35 -5.75
N PRO B 177 2.80 -0.74 -6.59
CA PRO B 177 3.83 -1.50 -7.30
C PRO B 177 5.07 -1.73 -6.45
N MET B 178 5.86 -2.73 -6.87
CA MET B 178 7.21 -2.93 -6.36
C MET B 178 8.26 -2.15 -7.14
N VAL B 179 7.99 -1.92 -8.42
CA VAL B 179 8.87 -1.21 -9.34
C VAL B 179 7.99 -0.28 -10.14
N ALA B 180 8.40 0.97 -10.30
CA ALA B 180 7.63 1.93 -11.08
C ALA B 180 8.57 2.67 -12.02
N VAL B 181 8.17 2.79 -13.29
CA VAL B 181 8.96 3.47 -14.34
C VAL B 181 8.27 4.77 -14.70
N VAL B 182 9.04 5.84 -14.89
CA VAL B 182 8.50 7.04 -15.53
C VAL B 182 9.36 7.33 -16.76
N THR B 183 8.76 7.21 -17.94
CA THR B 183 9.52 7.38 -19.19
C THR B 183 9.76 8.84 -19.51
N ASN B 184 8.76 9.69 -19.28
CA ASN B 184 8.80 11.12 -19.58
C ASN B 184 7.49 11.71 -19.07
N ILE B 185 7.47 13.04 -18.92
CA ILE B 185 6.26 13.75 -18.48
C ILE B 185 6.08 14.95 -19.40
N ASP B 186 5.03 14.92 -20.22
CA ASP B 186 4.82 15.91 -21.27
C ASP B 186 3.64 16.82 -20.93
N ALA B 187 3.88 18.14 -20.98
CA ALA B 187 2.85 19.13 -20.70
C ALA B 187 1.91 19.39 -21.88
N ASP B 188 1.66 18.37 -22.71
CA ASP B 188 0.66 18.51 -23.77
C ASP B 188 -0.01 17.18 -24.13
N ASP B 196 -3.42 21.98 -15.07
CA ASP B 196 -2.26 22.55 -14.39
C ASP B 196 -1.05 21.61 -14.47
N PHE B 197 0.08 22.15 -14.93
CA PHE B 197 1.29 21.33 -15.07
C PHE B 197 1.88 20.97 -13.71
N ASN B 198 1.78 21.87 -12.74
CA ASN B 198 2.35 21.57 -11.43
C ASN B 198 1.53 20.54 -10.66
N LYS B 199 0.21 20.56 -10.83
CA LYS B 199 -0.59 19.45 -10.30
C LYS B 199 -0.13 18.12 -10.91
N LEU B 200 0.21 18.15 -12.21
CA LEU B 200 0.62 16.92 -12.89
C LEU B 200 1.95 16.40 -12.37
N LYS B 201 2.93 17.29 -12.20
CA LYS B 201 4.20 16.85 -11.61
C LYS B 201 3.97 16.25 -10.23
N LYS B 202 3.13 16.89 -9.41
CA LYS B 202 2.86 16.36 -8.08
C LYS B 202 2.21 14.99 -8.17
N THR B 203 1.35 14.77 -9.17
CA THR B 203 0.72 13.47 -9.36
C THR B 203 1.76 12.38 -9.60
N PHE B 204 2.75 12.66 -10.45
CA PHE B 204 3.79 11.67 -10.70
C PHE B 204 4.67 11.46 -9.47
N VAL B 205 4.95 12.51 -8.71
CA VAL B 205 5.71 12.37 -7.46
C VAL B 205 4.95 11.52 -6.45
N GLU B 206 3.63 11.73 -6.31
CA GLU B 206 2.84 10.94 -5.37
CA GLU B 206 2.83 10.95 -5.37
C GLU B 206 2.74 9.49 -5.81
N PHE B 207 2.60 9.24 -7.13
CA PHE B 207 2.64 7.89 -7.69
C PHE B 207 3.90 7.16 -7.25
N LEU B 208 5.06 7.78 -7.43
CA LEU B 208 6.31 7.10 -7.08
C LEU B 208 6.44 6.88 -5.58
N HIS B 209 5.83 7.75 -4.76
CA HIS B 209 5.90 7.49 -3.33
C HIS B 209 4.95 6.37 -2.89
N ASN B 210 4.12 5.83 -3.80
CA ASN B 210 3.40 4.61 -3.46
C ASN B 210 4.31 3.38 -3.45
N LEU B 211 5.55 3.51 -3.92
CA LEU B 211 6.50 2.41 -3.78
C LEU B 211 6.83 2.20 -2.30
N PRO B 212 7.08 0.95 -1.90
CA PRO B 212 7.67 0.73 -0.56
C PRO B 212 9.09 1.25 -0.54
N PHE B 213 9.64 1.42 0.66
CA PHE B 213 11.02 1.89 0.74
C PHE B 213 11.98 0.91 0.08
N TYR B 214 11.63 -0.37 0.02
CA TYR B 214 12.49 -1.36 -0.62
C TYR B 214 12.16 -1.55 -2.11
N GLY B 215 11.29 -0.71 -2.66
CA GLY B 215 10.94 -0.78 -4.06
C GLY B 215 11.91 0.03 -4.90
N LEU B 216 11.57 0.20 -6.18
CA LEU B 216 12.51 0.80 -7.13
C LEU B 216 11.78 1.74 -8.09
N ALA B 217 12.29 2.98 -8.17
CA ALA B 217 11.83 3.97 -9.15
C ALA B 217 12.83 3.96 -10.31
N VAL B 218 12.33 3.76 -11.52
CA VAL B 218 13.16 3.69 -12.73
C VAL B 218 12.84 4.95 -13.53
N MET B 219 13.81 5.85 -13.68
CA MET B 219 13.48 7.19 -14.14
CA MET B 219 13.53 7.23 -14.10
C MET B 219 14.34 7.61 -15.33
N CYS B 220 13.68 8.06 -16.39
CA CYS B 220 14.40 8.48 -17.59
C CYS B 220 14.96 9.88 -17.40
N VAL B 221 16.28 10.02 -17.15
CA VAL B 221 16.80 11.37 -16.94
C VAL B 221 17.05 12.14 -18.23
N ASP B 222 16.84 11.53 -19.41
CA ASP B 222 16.87 12.34 -20.63
C ASP B 222 15.64 13.23 -20.73
N ASP B 223 14.58 12.93 -19.98
CA ASP B 223 13.39 13.75 -20.05
C ASP B 223 13.52 14.91 -19.07
N PRO B 224 13.33 16.15 -19.54
CA PRO B 224 13.52 17.31 -18.65
C PRO B 224 12.67 17.28 -17.38
N VAL B 225 11.40 16.88 -17.48
CA VAL B 225 10.58 16.98 -16.30
C VAL B 225 10.87 15.85 -15.32
N VAL B 226 11.11 14.64 -15.81
CA VAL B 226 11.57 13.56 -14.92
C VAL B 226 12.86 13.97 -14.21
N ARG B 227 13.79 14.57 -14.95
CA ARG B 227 15.04 15.03 -14.32
C ARG B 227 14.75 16.05 -13.24
N GLU B 228 13.76 16.91 -13.48
CA GLU B 228 13.42 17.96 -12.52
C GLU B 228 12.82 17.38 -11.24
N ILE B 229 12.00 16.33 -11.35
CA ILE B 229 11.35 15.82 -10.14
C ILE B 229 12.20 14.78 -9.43
N LEU B 230 13.26 14.27 -10.06
CA LEU B 230 14.10 13.24 -9.46
C LEU B 230 14.55 13.55 -8.03
N PRO B 231 15.11 14.73 -7.70
CA PRO B 231 15.50 14.96 -6.29
C PRO B 231 14.34 14.93 -5.30
N GLN B 232 13.09 14.94 -5.76
CA GLN B 232 11.96 14.86 -4.85
C GLN B 232 11.59 13.44 -4.47
N ILE B 233 12.20 12.43 -5.09
CA ILE B 233 11.74 11.06 -4.95
C ILE B 233 12.52 10.41 -3.83
N ALA B 234 11.87 10.19 -2.70
CA ALA B 234 12.55 9.61 -1.54
C ALA B 234 12.42 8.10 -1.54
N ARG B 235 12.75 7.49 -2.67
CA ARG B 235 12.73 6.05 -2.84
C ARG B 235 13.97 5.66 -3.62
N PRO B 236 14.43 4.41 -3.49
CA PRO B 236 15.58 3.97 -4.30
C PRO B 236 15.32 4.21 -5.77
N THR B 237 16.32 4.74 -6.47
CA THR B 237 16.18 5.10 -7.87
C THR B 237 17.29 4.48 -8.71
N VAL B 238 16.94 4.13 -9.94
CA VAL B 238 17.92 3.85 -10.99
C VAL B 238 17.54 4.73 -12.17
N THR B 239 18.47 5.53 -12.65
CA THR B 239 18.18 6.42 -13.76
C THR B 239 18.67 5.80 -15.05
N TYR B 240 18.07 6.19 -16.17
CA TYR B 240 18.53 5.65 -17.45
C TYR B 240 18.42 6.72 -18.54
N GLY B 241 19.17 6.52 -19.61
CA GLY B 241 19.13 7.46 -20.70
C GLY B 241 20.41 7.41 -21.51
N LEU B 242 20.48 8.32 -22.48
CA LEU B 242 21.76 8.55 -23.15
C LEU B 242 22.63 9.52 -22.36
N SER B 243 22.04 10.25 -21.41
CA SER B 243 22.75 11.25 -20.62
C SER B 243 24.02 10.71 -20.00
N GLU B 244 25.05 11.57 -19.95
CA GLU B 244 26.34 11.18 -19.38
C GLU B 244 26.26 10.81 -17.90
N ASP B 245 25.24 11.27 -17.18
CA ASP B 245 25.08 10.93 -15.76
C ASP B 245 24.05 9.83 -15.48
N ALA B 246 23.51 9.19 -16.51
CA ALA B 246 22.51 8.15 -16.29
C ALA B 246 23.17 6.89 -15.72
N ASP B 247 22.54 6.31 -14.69
CA ASP B 247 23.06 5.07 -14.10
C ASP B 247 23.21 3.98 -15.15
N VAL B 248 22.17 3.78 -15.96
CA VAL B 248 22.14 2.77 -17.00
C VAL B 248 22.07 3.52 -18.32
N ARG B 249 23.14 3.44 -19.11
CA ARG B 249 23.34 4.39 -20.20
C ARG B 249 23.54 3.67 -21.52
N ALA B 250 22.91 4.18 -22.59
CA ALA B 250 23.18 3.71 -23.94
C ALA B 250 24.30 4.54 -24.58
N ILE B 251 25.32 3.85 -25.13
CA ILE B 251 26.36 4.45 -25.95
C ILE B 251 26.52 3.62 -27.22
N ASN B 252 27.36 4.11 -28.13
CA ASN B 252 27.68 3.43 -29.39
C ASN B 252 26.41 3.03 -30.14
N ILE B 253 25.47 3.96 -30.25
CA ILE B 253 24.21 3.66 -30.92
C ILE B 253 24.44 3.65 -32.43
N ARG B 254 24.06 2.54 -33.06
CA ARG B 254 24.23 2.34 -34.49
C ARG B 254 22.85 1.99 -35.02
N GLN B 255 22.21 2.95 -35.68
CA GLN B 255 20.91 2.74 -36.27
C GLN B 255 21.10 2.09 -37.63
N GLU B 256 20.36 1.01 -37.88
CA GLU B 256 20.60 0.21 -39.08
C GLU B 256 19.26 -0.40 -39.51
N GLY B 257 18.46 0.41 -40.20
CA GLY B 257 17.22 -0.07 -40.77
C GLY B 257 16.11 -0.34 -39.76
N MET B 258 15.67 -1.58 -39.68
CA MET B 258 14.62 -1.96 -38.77
C MET B 258 15.16 -2.24 -37.36
N ARG B 259 16.47 -2.10 -37.17
CA ARG B 259 17.14 -2.58 -35.98
C ARG B 259 18.17 -1.56 -35.52
N THR B 260 18.31 -1.40 -34.21
CA THR B 260 19.28 -0.48 -33.62
C THR B 260 20.18 -1.25 -32.67
N TRP B 261 21.49 -1.12 -32.88
CA TRP B 261 22.51 -1.67 -31.99
C TRP B 261 22.95 -0.62 -31.00
N PHE B 262 23.16 -1.03 -29.75
CA PHE B 262 23.81 -0.13 -28.82
C PHE B 262 24.47 -0.93 -27.70
N THR B 263 25.36 -0.25 -26.99
CA THR B 263 26.06 -0.82 -25.84
C THR B 263 25.43 -0.21 -24.61
N VAL B 264 25.11 -1.03 -23.61
CA VAL B 264 24.48 -0.54 -22.38
C VAL B 264 25.50 -0.66 -21.26
N LEU B 265 25.71 0.45 -20.55
CA LEU B 265 26.54 0.48 -19.36
C LEU B 265 25.64 0.33 -18.15
N ARG B 266 26.04 -0.52 -17.21
CA ARG B 266 25.23 -0.77 -16.04
C ARG B 266 26.17 -0.76 -14.82
N PRO B 267 25.70 -0.25 -13.69
CA PRO B 267 26.56 -0.24 -12.48
C PRO B 267 27.04 -1.64 -12.14
N GLU B 268 28.34 -1.74 -11.91
CA GLU B 268 29.03 -2.96 -11.46
C GLU B 268 28.94 -4.11 -12.48
N ARG B 269 28.66 -3.81 -13.75
CA ARG B 269 28.64 -4.82 -14.80
C ARG B 269 29.58 -4.39 -15.93
N GLU B 270 30.03 -5.38 -16.70
CA GLU B 270 30.74 -5.09 -17.94
C GLU B 270 29.77 -4.53 -18.98
N PRO B 271 30.26 -3.70 -19.91
CA PRO B 271 29.39 -3.21 -20.98
C PRO B 271 28.77 -4.37 -21.75
N LEU B 272 27.52 -4.21 -22.16
CA LEU B 272 26.79 -5.27 -22.85
C LEU B 272 26.26 -4.76 -24.18
N ASP B 273 26.61 -5.45 -25.26
CA ASP B 273 26.13 -5.11 -26.59
C ASP B 273 24.78 -5.77 -26.85
N VAL B 274 23.77 -4.99 -27.20
CA VAL B 274 22.43 -5.50 -27.46
C VAL B 274 21.91 -4.90 -28.76
N SER B 275 20.74 -5.37 -29.17
CA SER B 275 20.03 -4.73 -30.27
C SER B 275 18.54 -4.90 -30.03
N VAL B 276 17.78 -3.98 -30.59
CA VAL B 276 16.32 -4.03 -30.51
C VAL B 276 15.79 -3.97 -31.93
N ASN B 277 14.81 -4.81 -32.22
CA ASN B 277 14.36 -4.96 -33.61
C ASN B 277 13.20 -4.02 -33.90
N MET B 278 13.46 -2.74 -33.66
CA MET B 278 12.51 -1.67 -33.92
C MET B 278 13.36 -0.42 -34.12
N PRO B 279 12.97 0.48 -35.01
CA PRO B 279 13.79 1.65 -35.28
C PRO B 279 13.50 2.78 -34.29
N GLY B 280 14.40 3.74 -34.28
CA GLY B 280 14.15 4.98 -33.57
C GLY B 280 14.83 5.10 -32.21
N LEU B 281 15.36 6.29 -31.92
CA LEU B 281 15.95 6.53 -30.60
CA LEU B 281 15.96 6.50 -30.61
C LEU B 281 14.97 6.24 -29.49
N HIS B 282 13.68 6.49 -29.72
CA HIS B 282 12.73 6.26 -28.63
C HIS B 282 12.67 4.80 -28.23
N ASN B 283 12.99 3.90 -29.15
CA ASN B 283 13.00 2.49 -28.79
C ASN B 283 14.31 2.06 -28.13
N VAL B 284 15.41 2.80 -28.34
CA VAL B 284 16.56 2.60 -27.44
C VAL B 284 16.18 2.95 -26.01
N LEU B 285 15.41 4.03 -25.82
CA LEU B 285 14.99 4.42 -24.48
C LEU B 285 14.02 3.42 -23.87
N ASN B 286 13.05 2.95 -24.65
CA ASN B 286 12.15 1.89 -24.16
C ASN B 286 12.94 0.66 -23.77
N SER B 287 13.98 0.31 -24.54
CA SER B 287 14.82 -0.85 -24.21
C SER B 287 15.64 -0.59 -22.95
N LEU B 288 16.12 0.64 -22.75
CA LEU B 288 16.88 0.92 -21.53
C LEU B 288 16.02 0.73 -20.28
N ALA B 289 14.79 1.28 -20.28
CA ALA B 289 13.90 1.05 -19.15
C ALA B 289 13.79 -0.44 -18.88
N THR B 290 13.61 -1.22 -19.95
CA THR B 290 13.43 -2.65 -19.84
C THR B 290 14.66 -3.31 -19.24
N ILE B 291 15.85 -2.90 -19.71
CA ILE B 291 17.11 -3.45 -19.19
C ILE B 291 17.28 -3.13 -17.70
N VAL B 292 16.92 -1.92 -17.29
CA VAL B 292 17.02 -1.61 -15.85
C VAL B 292 16.20 -2.62 -15.05
N ILE B 293 14.97 -2.88 -15.52
CA ILE B 293 14.06 -3.76 -14.79
C ILE B 293 14.52 -5.20 -14.86
N ALA B 294 14.94 -5.66 -16.03
CA ALA B 294 15.45 -7.02 -16.16
C ALA B 294 16.70 -7.22 -15.31
N THR B 295 17.60 -6.26 -15.33
CA THR B 295 18.81 -6.37 -14.53
C THR B 295 18.49 -6.45 -13.05
N ASP B 296 17.57 -5.61 -12.61
CA ASP B 296 17.16 -5.59 -11.19
C ASP B 296 16.60 -6.93 -10.78
N GLU B 297 15.88 -7.59 -11.68
CA GLU B 297 15.27 -8.89 -11.41
C GLU B 297 16.25 -10.06 -11.55
N GLY B 298 17.49 -9.82 -11.95
CA GLY B 298 18.45 -10.90 -12.05
C GLY B 298 18.41 -11.69 -13.35
N ILE B 299 17.80 -11.13 -14.39
CA ILE B 299 17.72 -11.81 -15.68
C ILE B 299 19.09 -11.76 -16.36
N SER B 300 19.43 -12.84 -17.06
CA SER B 300 20.76 -13.03 -17.65
C SER B 300 20.97 -12.11 -18.84
N ASP B 301 22.25 -11.79 -19.12
CA ASP B 301 22.53 -11.04 -20.35
C ASP B 301 21.91 -11.72 -21.56
N GLU B 302 22.03 -13.04 -21.63
CA GLU B 302 21.61 -13.76 -22.83
C GLU B 302 20.10 -13.60 -23.03
N ALA B 303 19.33 -13.62 -21.94
CA ALA B 303 17.88 -13.47 -22.05
C ALA B 303 17.48 -12.05 -22.40
N ILE B 304 18.21 -11.06 -21.90
CA ILE B 304 17.98 -9.67 -22.27
C ILE B 304 18.20 -9.50 -23.77
N VAL B 305 19.33 -10.00 -24.27
CA VAL B 305 19.63 -9.94 -25.70
C VAL B 305 18.53 -10.65 -26.50
N GLN B 306 18.12 -11.82 -26.05
CA GLN B 306 17.10 -12.58 -26.77
C GLN B 306 15.77 -11.84 -26.80
N GLY B 307 15.36 -11.28 -25.65
CA GLY B 307 14.05 -10.65 -25.58
C GLY B 307 13.96 -9.33 -26.32
N LEU B 308 15.05 -8.57 -26.34
CA LEU B 308 15.03 -7.33 -27.10
C LEU B 308 15.13 -7.58 -28.60
N SER B 309 16.02 -8.48 -29.02
CA SER B 309 16.25 -8.63 -30.44
C SER B 309 15.16 -9.46 -31.13
N GLY B 310 14.52 -10.37 -30.40
CA GLY B 310 13.44 -11.15 -30.94
C GLY B 310 12.06 -10.54 -30.79
N PHE B 311 11.98 -9.32 -30.29
CA PHE B 311 10.68 -8.67 -30.06
C PHE B 311 10.00 -8.41 -31.39
N GLN B 312 8.81 -8.97 -31.57
CA GLN B 312 8.08 -8.89 -32.83
C GLN B 312 7.12 -7.70 -32.90
N GLY B 313 7.04 -6.88 -31.86
CA GLY B 313 6.22 -5.69 -31.85
C GLY B 313 5.05 -5.80 -30.88
N VAL B 314 4.46 -4.65 -30.58
CA VAL B 314 3.30 -4.61 -29.69
C VAL B 314 2.15 -5.36 -30.34
N GLY B 315 1.55 -6.30 -29.61
CA GLY B 315 0.41 -7.06 -30.09
C GLY B 315 0.75 -8.33 -30.86
N ARG B 316 2.01 -8.57 -31.17
CA ARG B 316 2.41 -9.73 -31.97
C ARG B 316 3.05 -10.82 -31.10
#